data_4LC0
#
_entry.id   4LC0
#
_cell.length_a   146.830
_cell.length_b   98.440
_cell.length_c   39.700
_cell.angle_alpha   90.000
_cell.angle_beta   95.790
_cell.angle_gamma   90.000
#
_symmetry.space_group_name_H-M   'C 1 2 1'
#
loop_
_entity.id
_entity.type
_entity.pdbx_description
1 polymer 'Elongation factor Tu-A'
2 non-polymer 'PHOSPHOAMINOPHOSPHONIC ACID-GUANYLATE ESTER'
3 non-polymer 'MAGNESIUM ION'
4 non-polymer 'AMMONIUM ION'
5 non-polymer 'SULFATE ION'
6 water water
#
_entity_poly.entity_id   1
_entity_poly.type   'polypeptide(L)'
_entity_poly.pdbx_seq_one_letter_code
;KGEFVRTKPHVNVGTIGHVDHGKTTLTAALTYVAAAENPNVEVKDYGDIDKAPEERARGITINTAHVEYETAKRHYSHVD
CPGHADYIKNMITGAAQMDGAILVVSAADGPMPQTREHILLARQVGVPYIVVFMNKVDMVDDPELLDLVEMEVRDLLNQY
EFPGDEVPVIRGSALLALEQMHRNPKTRRGENEWVDKIWELLDAIDEYIPTPVRDVDKPFLMPVEDVFTITGRGTVATGR
IERGKVKVGDEVEIVGLAPETRKTVVTGVEMHRKTLQEGIAGDNVGVLLRGVSREEVERGQVLAKPGSITPHTKFEASVY
VLKKEEGGRHTGFFSGYRPQFYFRTTDVTGVVQLPPGVEMVMPGDNVTFTVELIKPVALEEGLRFAIREGGRTVGAGVVT
KILE
;
_entity_poly.pdbx_strand_id   A
#
loop_
_chem_comp.id
_chem_comp.type
_chem_comp.name
_chem_comp.formula
GNP non-polymer 'PHOSPHOAMINOPHOSPHONIC ACID-GUANYLATE ESTER' 'C10 H17 N6 O13 P3'
MG non-polymer 'MAGNESIUM ION' 'Mg 2'
NH4 non-polymer 'AMMONIUM ION' 'H4 N 1'
SO4 non-polymer 'SULFATE ION' 'O4 S -2'
#
# COMPACT_ATOMS: atom_id res chain seq x y z
N GLY A 2 21.87 -13.30 -1.46
CA GLY A 2 22.46 -14.08 -0.37
C GLY A 2 21.45 -14.40 0.73
N GLU A 3 21.91 -14.49 1.97
CA GLU A 3 21.02 -14.74 3.11
C GLU A 3 20.60 -13.42 3.77
N PHE A 4 19.36 -13.35 4.28
CA PHE A 4 18.91 -12.15 4.97
C PHE A 4 19.34 -12.16 6.43
N VAL A 5 20.06 -11.12 6.84
CA VAL A 5 20.49 -10.97 8.23
C VAL A 5 19.72 -9.83 8.89
N ARG A 6 18.99 -10.16 9.96
CA ARG A 6 18.24 -9.13 10.67
C ARG A 6 19.17 -8.46 11.65
N THR A 7 19.39 -7.16 11.47
CA THR A 7 20.28 -6.40 12.33
C THR A 7 19.49 -5.22 12.94
N LYS A 8 18.39 -4.88 12.28
CA LYS A 8 17.61 -3.70 12.61
C LYS A 8 16.12 -4.01 12.59
N PRO A 9 15.32 -3.22 13.33
CA PRO A 9 13.87 -3.32 13.17
C PRO A 9 13.45 -3.06 11.72
N HIS A 10 12.47 -3.82 11.27
CA HIS A 10 11.97 -3.68 9.91
C HIS A 10 10.65 -2.91 9.86
N VAL A 11 10.52 -1.98 8.91
CA VAL A 11 9.29 -1.21 8.73
C VAL A 11 8.95 -1.11 7.24
N ASN A 12 7.66 -1.20 6.93
CA ASN A 12 7.18 -1.04 5.56
C ASN A 12 6.61 0.34 5.32
N VAL A 13 7.16 1.04 4.32
CA VAL A 13 6.66 2.34 3.94
C VAL A 13 6.34 2.35 2.43
N GLY A 14 6.05 3.52 1.87
CA GLY A 14 5.80 3.55 0.43
C GLY A 14 5.41 4.93 -0.04
N THR A 15 5.18 5.05 -1.34
CA THR A 15 4.82 6.35 -1.91
C THR A 15 3.43 6.35 -2.53
N ILE A 16 2.66 7.36 -2.16
CA ILE A 16 1.34 7.56 -2.70
C ILE A 16 1.23 9.02 -3.11
N GLY A 17 0.18 9.36 -3.85
CA GLY A 17 0.01 10.72 -4.33
C GLY A 17 -0.42 10.74 -5.79
N HIS A 18 -0.88 11.91 -6.23
CA HIS A 18 -1.45 12.12 -7.56
C HIS A 18 -0.48 11.79 -8.70
N VAL A 19 -1.03 11.45 -9.86
CA VAL A 19 -0.21 11.09 -11.03
C VAL A 19 0.89 12.13 -11.31
N ASP A 20 2.11 11.64 -11.59
CA ASP A 20 3.24 12.50 -12.00
C ASP A 20 3.85 13.43 -10.93
N HIS A 21 3.37 13.36 -9.70
CA HIS A 21 3.91 14.25 -8.67
C HIS A 21 5.31 13.88 -8.21
N GLY A 22 5.77 12.68 -8.58
CA GLY A 22 7.17 12.32 -8.38
C GLY A 22 7.48 11.16 -7.45
N LYS A 23 6.50 10.28 -7.28
CA LYS A 23 6.64 9.15 -6.36
C LYS A 23 7.80 8.22 -6.72
N THR A 24 7.90 7.87 -8.00
CA THR A 24 8.93 6.93 -8.45
C THR A 24 10.35 7.56 -8.43
N THR A 25 10.45 8.82 -8.84
CA THR A 25 11.73 9.53 -8.76
C THR A 25 12.21 9.59 -7.31
N LEU A 26 11.27 9.84 -6.38
CA LEU A 26 11.61 9.87 -4.95
C LEU A 26 12.09 8.50 -4.46
N THR A 27 11.36 7.45 -4.85
CA THR A 27 11.70 6.07 -4.49
C THR A 27 13.14 5.78 -4.92
N ALA A 28 13.49 6.18 -6.14
CA ALA A 28 14.83 5.98 -6.66
C ALA A 28 15.85 6.84 -5.88
N ALA A 29 15.53 8.10 -5.65
CA ALA A 29 16.44 8.97 -4.90
C ALA A 29 16.73 8.43 -3.50
N LEU A 30 15.72 7.86 -2.86
CA LEU A 30 15.90 7.28 -1.53
C LEU A 30 16.94 6.14 -1.53
N THR A 31 16.85 5.24 -2.52
CA THR A 31 17.81 4.14 -2.60
C THR A 31 19.22 4.66 -2.83
N TYR A 32 19.36 5.68 -3.67
CA TYR A 32 20.69 6.24 -3.97
C TYR A 32 21.31 6.94 -2.77
N VAL A 33 20.50 7.71 -2.06
CA VAL A 33 20.98 8.50 -0.92
C VAL A 33 21.37 7.57 0.24
N ALA A 34 20.53 6.58 0.51
CA ALA A 34 20.80 5.62 1.58
C ALA A 34 22.01 4.74 1.25
N ALA A 35 22.22 4.47 -0.03
CA ALA A 35 23.28 3.56 -0.45
C ALA A 35 24.66 4.17 -0.18
N ALA A 36 24.75 5.50 -0.21
CA ALA A 36 26.04 6.15 0.06
C ALA A 36 26.47 6.00 1.52
N GLU A 37 25.50 5.89 2.42
CA GLU A 37 25.79 5.69 3.85
C GLU A 37 25.87 4.21 4.21
N ASN A 38 25.07 3.39 3.55
CA ASN A 38 25.00 1.97 3.86
C ASN A 38 25.24 1.07 2.64
N PRO A 39 26.34 0.30 2.67
CA PRO A 39 26.80 -0.51 1.54
C PRO A 39 25.87 -1.69 1.22
N ASN A 40 24.92 -1.97 2.11
CA ASN A 40 23.95 -3.05 1.88
C ASN A 40 22.81 -2.65 0.96
N VAL A 41 22.73 -1.36 0.65
CA VAL A 41 21.65 -0.85 -0.19
C VAL A 41 22.04 -0.88 -1.67
N GLU A 42 21.25 -1.58 -2.48
CA GLU A 42 21.43 -1.58 -3.92
C GLU A 42 20.67 -0.38 -4.46
N VAL A 43 21.29 0.40 -5.33
CA VAL A 43 20.59 1.56 -5.89
C VAL A 43 19.57 1.07 -6.89
N LYS A 44 18.43 1.78 -6.98
CA LYS A 44 17.42 1.45 -7.97
C LYS A 44 17.17 2.70 -8.82
N ASP A 45 17.45 2.59 -10.12
CA ASP A 45 17.20 3.69 -11.05
C ASP A 45 15.72 3.84 -11.38
N TYR A 46 15.38 4.99 -11.93
CA TYR A 46 14.03 5.27 -12.41
C TYR A 46 13.49 4.07 -13.21
N GLY A 47 14.26 3.65 -14.23
CA GLY A 47 13.85 2.56 -15.10
C GLY A 47 13.83 1.17 -14.47
N ASP A 48 14.54 1.00 -13.36
CA ASP A 48 14.48 -0.26 -12.61
C ASP A 48 13.15 -0.39 -11.86
N ILE A 49 12.50 0.75 -11.61
CA ILE A 49 11.24 0.73 -10.88
C ILE A 49 10.10 0.65 -11.88
N ASP A 50 10.01 1.65 -12.77
CA ASP A 50 9.04 1.60 -13.86
C ASP A 50 9.65 0.78 -14.99
N LYS A 51 9.58 -0.54 -14.81
CA LYS A 51 10.35 -1.52 -15.59
C LYS A 51 9.49 -2.25 -16.63
N ALA A 52 8.19 -2.35 -16.38
CA ALA A 52 7.32 -3.13 -17.26
C ALA A 52 7.12 -2.44 -18.61
N PRO A 53 7.05 -3.25 -19.69
CA PRO A 53 6.80 -2.71 -21.04
C PRO A 53 5.56 -1.82 -21.06
N GLU A 54 4.50 -2.19 -20.35
CA GLU A 54 3.28 -1.38 -20.36
C GLU A 54 3.47 -0.04 -19.65
N GLU A 55 4.42 0.00 -18.72
CA GLU A 55 4.75 1.23 -18.00
C GLU A 55 5.54 2.18 -18.89
N ARG A 56 6.52 1.64 -19.62
CA ARG A 56 7.26 2.41 -20.63
C ARG A 56 6.29 2.93 -21.68
N ALA A 57 5.33 2.10 -22.07
CA ALA A 57 4.44 2.42 -23.18
C ALA A 57 3.52 3.57 -22.79
N ARG A 58 3.04 3.54 -21.56
CA ARG A 58 2.04 4.50 -21.15
C ARG A 58 2.64 5.65 -20.35
N GLY A 59 3.93 5.55 -20.01
CA GLY A 59 4.63 6.61 -19.30
C GLY A 59 4.20 6.86 -17.85
N ILE A 60 3.61 5.86 -17.21
CA ILE A 60 3.20 5.97 -15.82
C ILE A 60 3.61 4.70 -15.08
N THR A 61 3.62 4.74 -13.76
CA THR A 61 3.71 3.54 -12.97
C THR A 61 2.37 2.83 -13.12
N ILE A 62 2.41 1.51 -13.28
CA ILE A 62 1.18 0.72 -13.28
C ILE A 62 1.23 -0.26 -12.11
N ASN A 63 2.29 -1.08 -12.05
CA ASN A 63 2.45 -2.05 -10.98
C ASN A 63 3.10 -1.42 -9.77
N THR A 64 2.73 -1.91 -8.58
CA THR A 64 3.52 -1.55 -7.41
C THR A 64 4.92 -2.11 -7.60
N ALA A 65 5.91 -1.42 -7.05
CA ALA A 65 7.27 -1.93 -7.05
C ALA A 65 7.73 -1.90 -5.60
N HIS A 66 8.57 -2.86 -5.24
CA HIS A 66 9.14 -2.92 -3.91
C HIS A 66 10.62 -2.65 -3.99
N VAL A 67 11.10 -1.62 -3.29
CA VAL A 67 12.54 -1.43 -3.16
C VAL A 67 12.95 -1.49 -1.68
N GLU A 68 14.23 -1.72 -1.46
CA GLU A 68 14.78 -1.87 -0.14
C GLU A 68 15.73 -0.70 0.12
N TYR A 69 15.76 -0.21 1.35
CA TYR A 69 16.84 0.66 1.77
C TYR A 69 16.90 0.63 3.28
N GLU A 70 17.94 1.22 3.84
CA GLU A 70 18.01 1.27 5.29
C GLU A 70 18.74 2.51 5.77
N THR A 71 18.41 2.91 6.98
CA THR A 71 19.11 3.98 7.65
C THR A 71 19.95 3.30 8.72
N ALA A 72 20.61 4.09 9.55
CA ALA A 72 21.31 3.51 10.68
C ALA A 72 20.32 2.85 11.62
N LYS A 73 19.12 3.43 11.72
CA LYS A 73 18.11 2.95 12.67
C LYS A 73 17.39 1.67 12.22
N ARG A 74 16.89 1.66 11.00
CA ARG A 74 15.93 0.63 10.60
C ARG A 74 16.12 0.11 9.19
N HIS A 75 15.55 -1.07 8.95
CA HIS A 75 15.46 -1.62 7.61
C HIS A 75 14.08 -1.30 7.01
N TYR A 76 14.06 -0.85 5.76
CA TYR A 76 12.80 -0.50 5.08
C TYR A 76 12.53 -1.31 3.80
N SER A 77 11.31 -1.81 3.68
CA SER A 77 10.79 -2.24 2.37
C SER A 77 9.85 -1.11 1.97
N HIS A 78 9.94 -0.68 0.72
CA HIS A 78 9.24 0.51 0.27
C HIS A 78 8.40 0.15 -0.95
N VAL A 79 7.09 0.40 -0.88
CA VAL A 79 6.21 0.06 -1.98
C VAL A 79 5.83 1.32 -2.76
N ASP A 80 6.26 1.39 -4.03
CA ASP A 80 5.97 2.57 -4.85
C ASP A 80 4.68 2.33 -5.65
N CYS A 81 3.68 3.20 -5.45
CA CYS A 81 2.32 2.98 -5.98
C CYS A 81 2.04 3.87 -7.18
N PRO A 82 1.17 3.40 -8.10
CA PRO A 82 0.81 4.27 -9.22
C PRO A 82 -0.11 5.40 -8.75
N GLY A 83 -0.01 6.56 -9.39
CA GLY A 83 -0.90 7.66 -9.08
C GLY A 83 -2.06 7.82 -10.04
N HIS A 84 -1.94 7.22 -11.23
CA HIS A 84 -2.97 7.34 -12.24
C HIS A 84 -4.32 6.83 -11.74
N ALA A 85 -5.40 7.53 -12.10
CA ALA A 85 -6.72 7.24 -11.56
C ALA A 85 -7.22 5.84 -11.98
N ASP A 86 -6.79 5.38 -13.15
CA ASP A 86 -7.20 4.06 -13.63
C ASP A 86 -6.51 2.89 -12.91
N TYR A 87 -5.54 3.18 -12.07
CA TYR A 87 -4.83 2.12 -11.37
C TYR A 87 -4.95 2.19 -9.84
N ILE A 88 -6.05 2.77 -9.37
CA ILE A 88 -6.32 2.85 -7.94
C ILE A 88 -6.30 1.46 -7.25
N LYS A 89 -6.78 0.44 -7.97
CA LYS A 89 -6.80 -0.94 -7.46
C LYS A 89 -5.41 -1.39 -6.98
N ASN A 90 -4.40 -1.06 -7.78
CA ASN A 90 -3.01 -1.42 -7.44
C ASN A 90 -2.46 -0.54 -6.34
N MET A 91 -2.85 0.73 -6.31
CA MET A 91 -2.44 1.61 -5.22
C MET A 91 -2.97 1.06 -3.89
N ILE A 92 -4.22 0.62 -3.87
CA ILE A 92 -4.83 0.11 -2.64
C ILE A 92 -4.05 -1.11 -2.13
N THR A 93 -3.70 -2.02 -3.04
CA THR A 93 -2.94 -3.22 -2.70
C THR A 93 -1.57 -2.87 -2.11
N GLY A 94 -0.94 -1.84 -2.67
CA GLY A 94 0.33 -1.36 -2.14
C GLY A 94 0.13 -0.76 -0.77
N ALA A 95 -0.89 0.10 -0.64
CA ALA A 95 -1.13 0.79 0.63
C ALA A 95 -1.36 -0.22 1.74
N ALA A 96 -2.00 -1.34 1.38
CA ALA A 96 -2.32 -2.39 2.34
C ALA A 96 -1.06 -3.04 2.92
N GLN A 97 0.10 -2.70 2.36
CA GLN A 97 1.36 -3.26 2.84
C GLN A 97 2.13 -2.27 3.70
N MET A 98 1.61 -1.05 3.84
CA MET A 98 2.41 0.03 4.46
C MET A 98 2.16 0.25 5.96
N ASP A 99 3.23 0.35 6.74
CA ASP A 99 3.12 0.77 8.13
C ASP A 99 3.13 2.31 8.18
N GLY A 100 3.53 2.91 7.07
CA GLY A 100 3.56 4.37 6.98
C GLY A 100 3.61 4.70 5.51
N ALA A 101 3.02 5.83 5.11
CA ALA A 101 3.07 6.23 3.71
C ALA A 101 3.75 7.57 3.56
N ILE A 102 4.48 7.72 2.46
CA ILE A 102 5.00 9.01 2.07
C ILE A 102 4.05 9.55 1.02
N LEU A 103 3.36 10.63 1.36
CA LEU A 103 2.44 11.28 0.43
C LEU A 103 3.25 12.32 -0.34
N VAL A 104 3.47 12.06 -1.62
CA VAL A 104 4.22 12.99 -2.44
C VAL A 104 3.26 14.00 -3.09
N VAL A 105 3.53 15.29 -2.91
CA VAL A 105 2.66 16.34 -3.47
C VAL A 105 3.50 17.34 -4.23
N SER A 106 3.16 17.57 -5.49
CA SER A 106 3.90 18.53 -6.30
C SER A 106 3.68 19.95 -5.81
N ALA A 107 4.78 20.64 -5.48
CA ALA A 107 4.73 22.03 -5.09
C ALA A 107 4.17 22.89 -6.22
N ALA A 108 4.39 22.47 -7.45
CA ALA A 108 3.96 23.28 -8.59
C ALA A 108 2.46 23.16 -8.83
N ASP A 109 1.87 22.05 -8.36
CA ASP A 109 0.49 21.76 -8.70
C ASP A 109 -0.43 21.80 -7.49
N GLY A 110 0.11 21.52 -6.32
CA GLY A 110 -0.71 21.45 -5.13
C GLY A 110 -1.49 20.14 -5.11
N PRO A 111 -2.25 19.89 -4.04
CA PRO A 111 -3.00 18.64 -3.96
C PRO A 111 -4.00 18.53 -5.12
N MET A 112 -4.16 17.32 -5.65
CA MET A 112 -5.03 17.09 -6.80
C MET A 112 -5.97 15.92 -6.47
N PRO A 113 -6.91 15.56 -7.39
CA PRO A 113 -7.90 14.57 -6.95
C PRO A 113 -7.35 13.24 -6.39
N GLN A 114 -6.22 12.74 -6.87
CA GLN A 114 -5.70 11.51 -6.27
C GLN A 114 -4.82 11.74 -5.03
N THR A 115 -4.44 13.00 -4.81
CA THR A 115 -3.87 13.33 -3.51
C THR A 115 -4.94 13.00 -2.46
N ARG A 116 -6.14 13.53 -2.69
CA ARG A 116 -7.26 13.30 -1.79
C ARG A 116 -7.62 11.82 -1.73
N GLU A 117 -7.80 11.20 -2.89
CA GLU A 117 -8.28 9.82 -2.95
C GLU A 117 -7.26 8.87 -2.30
N HIS A 118 -5.97 9.09 -2.52
CA HIS A 118 -4.97 8.20 -1.90
C HIS A 118 -4.96 8.30 -0.37
N ILE A 119 -5.17 9.51 0.16
CA ILE A 119 -5.20 9.69 1.61
C ILE A 119 -6.33 8.87 2.20
N LEU A 120 -7.52 9.06 1.64
CA LEU A 120 -8.73 8.37 2.03
C LEU A 120 -8.56 6.85 1.99
N LEU A 121 -8.02 6.36 0.89
CA LEU A 121 -7.87 4.92 0.71
C LEU A 121 -6.76 4.32 1.58
N ALA A 122 -5.67 5.08 1.76
CA ALA A 122 -4.59 4.64 2.65
C ALA A 122 -5.18 4.29 4.01
N ARG A 123 -6.05 5.17 4.50
CA ARG A 123 -6.77 4.97 5.77
C ARG A 123 -7.60 3.67 5.79
N GLN A 124 -8.33 3.41 4.70
CA GLN A 124 -9.25 2.28 4.63
C GLN A 124 -8.56 0.91 4.47
N VAL A 125 -7.27 0.92 4.17
CA VAL A 125 -6.50 -0.32 4.31
C VAL A 125 -5.53 -0.22 5.49
N GLY A 126 -5.81 0.70 6.41
CA GLY A 126 -5.14 0.77 7.69
C GLY A 126 -3.74 1.39 7.75
N VAL A 127 -3.40 2.28 6.84
CA VAL A 127 -2.13 3.01 6.98
C VAL A 127 -2.23 3.98 8.16
N PRO A 128 -1.37 3.81 9.17
CA PRO A 128 -1.58 4.57 10.40
C PRO A 128 -0.84 5.91 10.42
N TYR A 129 0.21 6.07 9.63
CA TYR A 129 0.94 7.34 9.66
C TYR A 129 1.31 7.83 8.26
N ILE A 130 1.34 9.15 8.09
CA ILE A 130 1.72 9.76 6.83
C ILE A 130 2.83 10.78 7.03
N VAL A 131 3.86 10.73 6.19
CA VAL A 131 4.80 11.84 6.05
C VAL A 131 4.58 12.44 4.67
N VAL A 132 4.67 13.76 4.55
CA VAL A 132 4.44 14.45 3.28
C VAL A 132 5.79 14.82 2.67
N PHE A 133 6.00 14.50 1.40
CA PHE A 133 7.15 15.06 0.70
C PHE A 133 6.68 16.03 -0.35
N MET A 134 6.94 17.32 -0.12
CA MET A 134 6.58 18.34 -1.10
C MET A 134 7.66 18.40 -2.19
N ASN A 135 7.33 17.88 -3.36
CA ASN A 135 8.31 17.65 -4.40
C ASN A 135 8.27 18.77 -5.42
N LYS A 136 9.28 18.81 -6.28
CA LYS A 136 9.40 19.82 -7.35
C LYS A 136 9.51 21.27 -6.86
N VAL A 137 10.05 21.48 -5.66
CA VAL A 137 10.21 22.86 -5.19
C VAL A 137 11.21 23.60 -6.07
N ASP A 138 12.05 22.86 -6.77
CA ASP A 138 12.98 23.45 -7.72
C ASP A 138 12.24 24.24 -8.81
N MET A 139 10.97 23.91 -9.02
CA MET A 139 10.15 24.59 -10.02
C MET A 139 9.38 25.79 -9.46
N VAL A 140 9.42 25.95 -8.14
CA VAL A 140 8.60 26.97 -7.48
C VAL A 140 9.47 28.02 -6.80
N ASP A 141 9.41 29.25 -7.30
CA ASP A 141 10.15 30.35 -6.70
C ASP A 141 9.41 30.88 -5.47
N ASP A 142 8.18 31.34 -5.69
CA ASP A 142 7.33 31.91 -4.64
C ASP A 142 7.16 31.04 -3.38
N PRO A 143 7.71 31.52 -2.25
CA PRO A 143 7.60 30.87 -0.95
C PRO A 143 6.16 30.84 -0.45
N GLU A 144 5.34 31.74 -0.99
CA GLU A 144 3.96 31.90 -0.56
C GLU A 144 3.10 30.77 -1.13
N LEU A 145 3.40 30.36 -2.36
CA LEU A 145 2.73 29.21 -2.94
C LEU A 145 3.10 27.95 -2.17
N LEU A 146 4.39 27.82 -1.83
CA LEU A 146 4.87 26.68 -1.06
C LEU A 146 4.11 26.58 0.24
N ASP A 147 4.02 27.71 0.96
CA ASP A 147 3.28 27.73 2.22
C ASP A 147 1.80 27.40 1.98
N LEU A 148 1.22 27.97 0.92
CA LEU A 148 -0.16 27.65 0.55
C LEU A 148 -0.36 26.16 0.29
N VAL A 149 0.55 25.57 -0.48
CA VAL A 149 0.48 24.13 -0.76
C VAL A 149 0.54 23.30 0.52
N GLU A 150 1.50 23.60 1.39
CA GLU A 150 1.63 22.87 2.65
C GLU A 150 0.33 23.01 3.44
N MET A 151 -0.13 24.25 3.58
CA MET A 151 -1.38 24.56 4.27
C MET A 151 -2.56 23.71 3.76
N GLU A 152 -2.69 23.61 2.43
CA GLU A 152 -3.76 22.82 1.81
C GLU A 152 -3.62 21.31 2.09
N VAL A 153 -2.40 20.79 1.97
CA VAL A 153 -2.15 19.40 2.26
C VAL A 153 -2.50 19.08 3.72
N ARG A 154 -2.03 19.91 4.65
CA ARG A 154 -2.26 19.65 6.07
C ARG A 154 -3.75 19.56 6.34
N ASP A 155 -4.50 20.50 5.75
CA ASP A 155 -5.93 20.56 5.99
C ASP A 155 -6.67 19.39 5.35
N LEU A 156 -6.19 18.96 4.18
CA LEU A 156 -6.77 17.83 3.48
C LEU A 156 -6.60 16.57 4.32
N LEU A 157 -5.42 16.42 4.93
CA LEU A 157 -5.16 15.27 5.81
C LEU A 157 -6.08 15.29 7.04
N ASN A 158 -6.36 16.50 7.55
CA ASN A 158 -7.27 16.61 8.70
C ASN A 158 -8.65 16.08 8.35
N GLN A 159 -9.08 16.35 7.11
CA GLN A 159 -10.39 15.90 6.64
C GLN A 159 -10.57 14.39 6.74
N TYR A 160 -9.48 13.63 6.67
CA TYR A 160 -9.60 12.18 6.77
C TYR A 160 -9.03 11.66 8.08
N GLU A 161 -9.00 12.56 9.06
CA GLU A 161 -8.62 12.23 10.43
C GLU A 161 -7.18 11.77 10.60
N PHE A 162 -6.32 12.22 9.69
CA PHE A 162 -4.89 12.20 9.95
C PHE A 162 -4.51 13.47 10.71
N PRO A 163 -3.46 13.41 11.54
CA PRO A 163 -3.08 14.61 12.30
C PRO A 163 -2.34 15.60 11.40
N GLY A 164 -3.08 16.26 10.52
CA GLY A 164 -2.51 17.07 9.45
C GLY A 164 -1.58 18.19 9.91
N ASP A 165 -1.87 18.78 11.06
CA ASP A 165 -1.07 19.89 11.56
C ASP A 165 0.22 19.39 12.17
N GLU A 166 0.27 18.09 12.40
CA GLU A 166 1.42 17.47 13.03
C GLU A 166 2.38 16.73 12.09
N VAL A 167 1.89 16.23 10.95
CA VAL A 167 2.77 15.46 10.06
C VAL A 167 3.98 16.27 9.60
N PRO A 168 5.12 15.60 9.46
CA PRO A 168 6.30 16.24 8.87
C PRO A 168 6.02 16.54 7.39
N VAL A 169 6.42 17.72 6.95
CA VAL A 169 6.31 18.08 5.56
C VAL A 169 7.70 18.45 5.09
N ILE A 170 8.33 17.61 4.27
CA ILE A 170 9.69 17.90 3.82
C ILE A 170 9.63 18.49 2.41
N ARG A 171 10.37 19.58 2.19
CA ARG A 171 10.35 20.26 0.91
C ARG A 171 11.66 20.02 0.19
N GLY A 172 11.58 19.44 -1.00
CA GLY A 172 12.78 19.15 -1.74
C GLY A 172 12.50 18.82 -3.18
N SER A 173 13.49 18.23 -3.83
CA SER A 173 13.40 17.87 -5.23
C SER A 173 13.97 16.49 -5.36
N ALA A 174 13.10 15.52 -5.64
CA ALA A 174 13.53 14.15 -5.84
C ALA A 174 14.48 14.05 -7.02
N LEU A 175 14.21 14.84 -8.06
CA LEU A 175 14.97 14.73 -9.30
C LEU A 175 16.39 15.31 -9.15
N LEU A 176 16.50 16.44 -8.46
CA LEU A 176 17.82 17.05 -8.30
C LEU A 176 18.70 16.25 -7.33
N ALA A 177 18.07 15.56 -6.38
CA ALA A 177 18.85 14.69 -5.50
C ALA A 177 19.32 13.50 -6.30
N LEU A 178 18.38 12.87 -7.03
CA LEU A 178 18.70 11.76 -7.92
C LEU A 178 19.81 12.13 -8.89
N GLU A 179 19.76 13.35 -9.43
CA GLU A 179 20.80 13.78 -10.36
C GLU A 179 22.15 13.88 -9.66
N GLN A 180 22.17 14.46 -8.46
CA GLN A 180 23.42 14.62 -7.70
C GLN A 180 24.04 13.27 -7.36
N MET A 181 23.19 12.32 -6.99
CA MET A 181 23.65 10.97 -6.67
C MET A 181 24.21 10.25 -7.90
N HIS A 182 23.63 10.50 -9.08
CA HIS A 182 24.20 9.95 -10.31
C HIS A 182 25.61 10.51 -10.59
N ARG A 183 25.78 11.83 -10.44
CA ARG A 183 27.08 12.48 -10.66
C ARG A 183 28.14 12.10 -9.60
N ASN A 184 27.70 11.91 -8.36
CA ASN A 184 28.55 11.38 -7.30
C ASN A 184 27.76 10.43 -6.39
N PRO A 185 27.83 9.12 -6.69
CA PRO A 185 27.10 8.11 -5.92
C PRO A 185 27.61 7.97 -4.48
N LYS A 186 28.78 8.56 -4.22
CA LYS A 186 29.35 8.55 -2.88
C LYS A 186 28.99 9.80 -2.09
N THR A 187 28.15 10.65 -2.67
CA THR A 187 27.70 11.87 -2.00
C THR A 187 27.09 11.58 -0.64
N ARG A 188 27.73 12.07 0.41
CA ARG A 188 27.22 11.84 1.76
C ARG A 188 26.44 13.03 2.26
N ARG A 189 25.79 12.83 3.40
CA ARG A 189 24.99 13.85 4.05
C ARG A 189 25.84 15.08 4.40
N GLY A 190 25.35 16.27 4.06
CA GLY A 190 26.06 17.49 4.40
C GLY A 190 26.80 18.10 3.22
N GLU A 191 26.82 17.37 2.10
CA GLU A 191 27.57 17.82 0.93
C GLU A 191 26.72 18.57 -0.09
N ASN A 192 25.41 18.34 -0.05
CA ASN A 192 24.50 18.85 -1.07
C ASN A 192 23.09 19.06 -0.53
N GLU A 193 22.54 20.25 -0.73
CA GLU A 193 21.25 20.61 -0.14
C GLU A 193 20.05 19.77 -0.61
N TRP A 194 20.09 19.29 -1.85
CA TRP A 194 18.97 18.48 -2.34
C TRP A 194 19.00 17.09 -1.69
N VAL A 195 20.20 16.52 -1.65
CA VAL A 195 20.40 15.21 -1.04
C VAL A 195 20.05 15.29 0.45
N ASP A 196 20.46 16.37 1.10
CA ASP A 196 20.08 16.57 2.50
C ASP A 196 18.56 16.67 2.75
N LYS A 197 17.80 17.16 1.77
CA LYS A 197 16.34 17.07 1.89
C LYS A 197 15.87 15.60 1.89
N ILE A 198 16.56 14.74 1.15
CA ILE A 198 16.22 13.33 1.19
C ILE A 198 16.53 12.78 2.59
N TRP A 199 17.64 13.22 3.17
CA TRP A 199 18.00 12.79 4.53
C TRP A 199 17.00 13.31 5.55
N GLU A 200 16.49 14.50 5.31
CA GLU A 200 15.41 15.04 6.12
C GLU A 200 14.17 14.13 6.03
N LEU A 201 13.84 13.67 4.82
CA LEU A 201 12.74 12.72 4.68
C LEU A 201 13.04 11.44 5.45
N LEU A 202 14.24 10.89 5.27
CA LEU A 202 14.63 9.65 5.94
C LEU A 202 14.57 9.76 7.48
N ASP A 203 15.11 10.87 8.02
CA ASP A 203 15.03 11.12 9.46
C ASP A 203 13.57 11.17 9.91
N ALA A 204 12.72 11.78 9.08
CA ALA A 204 11.33 11.94 9.47
C ALA A 204 10.64 10.59 9.49
N ILE A 205 11.01 9.73 8.54
CA ILE A 205 10.46 8.38 8.49
C ILE A 205 10.96 7.58 9.69
N ASP A 206 12.26 7.69 9.97
CA ASP A 206 12.87 7.02 11.11
C ASP A 206 12.13 7.31 12.41
N GLU A 207 11.77 8.58 12.60
CA GLU A 207 11.36 9.06 13.91
C GLU A 207 9.86 9.28 14.05
N TYR A 208 9.17 9.55 12.95
CA TYR A 208 7.73 9.82 13.04
C TYR A 208 6.88 8.56 12.80
N ILE A 209 7.33 7.68 11.92
CA ILE A 209 6.65 6.41 11.72
C ILE A 209 7.20 5.36 12.69
N PRO A 210 6.40 4.97 13.69
CA PRO A 210 6.90 4.04 14.70
C PRO A 210 6.90 2.63 14.14
N THR A 211 7.75 1.77 14.72
CA THR A 211 7.73 0.35 14.39
C THR A 211 6.43 -0.19 14.99
N PRO A 212 5.59 -0.82 14.16
CA PRO A 212 4.28 -1.35 14.59
C PRO A 212 4.38 -2.48 15.60
N VAL A 213 3.38 -2.63 16.46
CA VAL A 213 3.33 -3.81 17.33
C VAL A 213 2.87 -4.98 16.47
N ARG A 214 3.64 -6.08 16.50
CA ARG A 214 3.37 -7.19 15.58
C ARG A 214 3.23 -8.51 16.34
N ASP A 215 2.26 -9.32 15.93
CA ASP A 215 1.99 -10.56 16.65
C ASP A 215 2.51 -11.78 15.90
N VAL A 216 3.62 -12.32 16.40
CA VAL A 216 4.33 -13.42 15.78
C VAL A 216 3.86 -14.78 16.32
N ASP A 217 3.04 -14.75 17.37
CA ASP A 217 2.56 -15.96 18.01
C ASP A 217 1.19 -16.44 17.50
N LYS A 218 0.39 -15.50 16.99
CA LYS A 218 -0.90 -15.85 16.37
C LYS A 218 -0.71 -16.63 15.06
N PRO A 219 -1.77 -17.32 14.59
CA PRO A 219 -1.63 -18.12 13.35
C PRO A 219 -1.12 -17.31 12.17
N PHE A 220 -0.25 -17.92 11.39
CA PHE A 220 0.36 -17.30 10.22
C PHE A 220 -0.71 -16.77 9.26
N LEU A 221 -0.50 -15.54 8.78
CA LEU A 221 -1.45 -14.93 7.88
C LEU A 221 -0.71 -13.95 6.98
N MET A 222 -0.78 -14.18 5.68
CA MET A 222 -0.15 -13.25 4.73
C MET A 222 -1.08 -12.97 3.58
N PRO A 223 -1.64 -11.76 3.55
CA PRO A 223 -2.45 -11.42 2.37
C PRO A 223 -1.58 -11.48 1.09
N VAL A 224 -2.07 -12.08 0.01
CA VAL A 224 -1.28 -12.18 -1.22
C VAL A 224 -1.37 -10.88 -2.03
N GLU A 225 -0.22 -10.31 -2.38
CA GLU A 225 -0.24 -9.08 -3.16
C GLU A 225 -0.14 -9.37 -4.66
N ASP A 226 0.84 -10.18 -5.05
CA ASP A 226 1.06 -10.51 -6.44
C ASP A 226 1.51 -11.98 -6.55
N VAL A 227 1.52 -12.50 -7.76
CA VAL A 227 1.86 -13.89 -7.97
C VAL A 227 2.62 -14.01 -9.28
N PHE A 228 3.78 -14.64 -9.24
CA PHE A 228 4.50 -14.87 -10.49
C PHE A 228 5.20 -16.21 -10.52
N THR A 229 5.64 -16.58 -11.71
CA THR A 229 6.37 -17.81 -11.90
C THR A 229 7.84 -17.46 -12.03
N ILE A 230 8.66 -18.04 -11.16
CA ILE A 230 10.11 -17.96 -11.34
C ILE A 230 10.52 -19.17 -12.17
N THR A 231 11.19 -18.94 -13.31
CA THR A 231 11.67 -20.01 -14.17
C THR A 231 12.65 -20.88 -13.38
N GLY A 232 12.43 -22.20 -13.39
CA GLY A 232 13.28 -23.13 -12.67
C GLY A 232 13.04 -23.29 -11.17
N ARG A 233 12.12 -22.51 -10.62
CA ARG A 233 11.82 -22.59 -9.18
C ARG A 233 10.33 -22.81 -8.89
N GLY A 234 9.45 -22.05 -9.54
CA GLY A 234 8.03 -22.27 -9.39
C GLY A 234 7.19 -21.03 -9.15
N THR A 235 6.06 -21.21 -8.48
CA THR A 235 5.13 -20.13 -8.20
C THR A 235 5.47 -19.40 -6.90
N VAL A 236 5.65 -18.08 -6.98
CA VAL A 236 5.92 -17.26 -5.80
C VAL A 236 4.75 -16.33 -5.54
N ALA A 237 4.26 -16.34 -4.29
CA ALA A 237 3.25 -15.39 -3.85
C ALA A 237 3.93 -14.34 -2.98
N THR A 238 3.73 -13.05 -3.29
CA THR A 238 4.38 -12.00 -2.50
C THR A 238 3.37 -11.36 -1.57
N GLY A 239 3.86 -10.72 -0.51
CA GLY A 239 3.01 -10.00 0.43
C GLY A 239 3.70 -9.60 1.71
N ARG A 240 3.02 -8.76 2.50
CA ARG A 240 3.50 -8.42 3.84
C ARG A 240 2.87 -9.42 4.83
N ILE A 241 3.69 -10.14 5.58
CA ILE A 241 3.15 -11.05 6.59
C ILE A 241 2.42 -10.22 7.64
N GLU A 242 1.15 -10.52 7.85
N GLU A 242 1.13 -10.50 7.85
CA GLU A 242 0.32 -9.75 8.77
CA GLU A 242 0.34 -9.71 8.78
C GLU A 242 0.59 -10.15 10.20
C GLU A 242 0.59 -10.15 10.21
N ARG A 243 0.72 -11.46 10.41
CA ARG A 243 0.97 -11.99 11.74
C ARG A 243 1.55 -13.40 11.69
N GLY A 244 2.06 -13.86 12.83
CA GLY A 244 2.65 -15.19 12.90
C GLY A 244 3.94 -15.31 12.11
N LYS A 245 4.32 -16.55 11.82
CA LYS A 245 5.62 -16.87 11.20
C LYS A 245 5.42 -17.92 10.11
N VAL A 246 6.30 -17.92 9.12
CA VAL A 246 6.32 -18.97 8.10
C VAL A 246 7.77 -19.45 7.88
N LYS A 247 7.94 -20.79 7.92
CA LYS A 247 9.23 -21.44 7.63
C LYS A 247 9.10 -22.37 6.42
N VAL A 248 10.17 -22.50 5.65
CA VAL A 248 10.23 -23.49 4.60
C VAL A 248 9.86 -24.84 5.20
N GLY A 249 8.94 -25.55 4.55
CA GLY A 249 8.52 -26.85 5.05
C GLY A 249 7.14 -26.80 5.67
N ASP A 250 6.67 -25.60 6.04
CA ASP A 250 5.32 -25.43 6.60
C ASP A 250 4.27 -25.73 5.56
N GLU A 251 3.23 -26.44 5.96
CA GLU A 251 2.03 -26.51 5.13
C GLU A 251 1.25 -25.22 5.35
N VAL A 252 0.74 -24.60 4.27
CA VAL A 252 -0.15 -23.46 4.41
C VAL A 252 -1.39 -23.65 3.54
N GLU A 253 -2.45 -22.89 3.84
CA GLU A 253 -3.68 -22.91 3.05
C GLU A 253 -3.84 -21.63 2.26
N ILE A 254 -4.29 -21.78 1.02
CA ILE A 254 -4.61 -20.64 0.17
C ILE A 254 -6.11 -20.37 0.36
N VAL A 255 -6.43 -19.24 0.98
CA VAL A 255 -7.80 -19.01 1.39
C VAL A 255 -8.41 -17.85 0.61
N GLY A 256 -9.61 -18.06 0.08
CA GLY A 256 -10.38 -17.01 -0.56
C GLY A 256 -10.47 -17.12 -2.07
N LEU A 257 -11.50 -16.49 -2.64
CA LEU A 257 -11.64 -16.29 -4.08
C LEU A 257 -11.96 -17.54 -4.91
N ALA A 258 -11.44 -18.68 -4.45
CA ALA A 258 -11.73 -19.97 -5.07
C ALA A 258 -12.87 -20.63 -4.30
N PRO A 259 -13.57 -21.59 -4.93
CA PRO A 259 -14.64 -22.33 -4.25
C PRO A 259 -14.12 -23.13 -3.05
N GLU A 260 -12.94 -23.72 -3.22
CA GLU A 260 -12.34 -24.54 -2.18
C GLU A 260 -10.99 -23.97 -1.74
N THR A 261 -10.74 -24.05 -0.42
CA THR A 261 -9.43 -23.76 0.12
C THR A 261 -8.52 -24.89 -0.31
N ARG A 262 -7.28 -24.60 -0.66
CA ARG A 262 -6.35 -25.67 -0.97
C ARG A 262 -5.03 -25.53 -0.20
N LYS A 263 -4.33 -26.65 -0.05
CA LYS A 263 -3.12 -26.68 0.72
C LYS A 263 -1.91 -26.80 -0.18
N THR A 264 -0.78 -26.31 0.31
CA THR A 264 0.49 -26.47 -0.37
C THR A 264 1.59 -26.38 0.67
N VAL A 265 2.81 -26.73 0.29
CA VAL A 265 3.94 -26.63 1.18
C VAL A 265 4.81 -25.44 0.76
N VAL A 266 5.24 -24.63 1.73
CA VAL A 266 6.17 -23.54 1.43
C VAL A 266 7.53 -24.16 1.14
N THR A 267 8.15 -23.77 0.02
CA THR A 267 9.44 -24.36 -0.36
C THR A 267 10.57 -23.33 -0.45
N GLY A 268 10.26 -22.08 -0.15
CA GLY A 268 11.26 -21.02 -0.13
C GLY A 268 10.64 -19.75 0.44
N VAL A 269 11.44 -18.95 1.13
CA VAL A 269 10.98 -17.67 1.62
C VAL A 269 12.08 -16.68 1.39
N GLU A 270 11.77 -15.55 0.77
CA GLU A 270 12.78 -14.54 0.49
C GLU A 270 12.29 -13.13 0.82
N MET A 271 13.21 -12.26 1.22
CA MET A 271 12.91 -10.84 1.35
C MET A 271 13.96 -10.09 0.56
N HIS A 272 13.51 -9.39 -0.47
CA HIS A 272 14.42 -8.68 -1.38
C HIS A 272 15.51 -9.61 -1.91
N ARG A 273 15.08 -10.73 -2.50
CA ARG A 273 15.97 -11.74 -3.08
C ARG A 273 17.10 -12.18 -2.14
N LYS A 274 16.77 -12.22 -0.85
CA LYS A 274 17.68 -12.74 0.16
C LYS A 274 16.94 -13.79 0.97
N THR A 275 17.61 -14.91 1.19
CA THR A 275 16.98 -16.08 1.80
C THR A 275 16.62 -15.83 3.26
N LEU A 276 15.36 -16.10 3.61
CA LEU A 276 14.95 -16.03 5.01
C LEU A 276 14.87 -17.43 5.58
N GLN A 277 15.49 -17.61 6.74
CA GLN A 277 15.32 -18.84 7.49
C GLN A 277 13.85 -18.92 7.90
N GLU A 278 13.36 -17.82 8.45
CA GLU A 278 11.97 -17.72 8.88
C GLU A 278 11.38 -16.36 8.47
N GLY A 279 10.20 -16.36 7.86
CA GLY A 279 9.49 -15.11 7.62
C GLY A 279 8.63 -14.81 8.84
N ILE A 280 8.60 -13.56 9.29
CA ILE A 280 7.80 -13.20 10.47
C ILE A 280 6.92 -11.98 10.21
N ALA A 281 5.96 -11.75 11.11
CA ALA A 281 5.04 -10.60 10.99
C ALA A 281 5.78 -9.29 10.68
N GLY A 282 5.35 -8.62 9.62
CA GLY A 282 5.97 -7.38 9.18
C GLY A 282 6.88 -7.56 7.97
N ASP A 283 7.40 -8.77 7.77
CA ASP A 283 8.31 -9.02 6.66
C ASP A 283 7.59 -8.89 5.33
N ASN A 284 8.27 -8.25 4.38
CA ASN A 284 7.79 -8.16 3.01
C ASN A 284 8.50 -9.25 2.19
N VAL A 285 7.78 -10.32 1.89
CA VAL A 285 8.40 -11.54 1.39
C VAL A 285 7.83 -12.04 0.08
N GLY A 286 8.56 -12.98 -0.50
CA GLY A 286 8.05 -13.83 -1.58
C GLY A 286 8.10 -15.26 -1.06
N VAL A 287 7.00 -15.97 -1.20
CA VAL A 287 6.89 -17.32 -0.67
C VAL A 287 6.77 -18.29 -1.83
N LEU A 288 7.77 -19.15 -2.01
CA LEU A 288 7.68 -20.18 -3.04
C LEU A 288 6.66 -21.27 -2.61
N LEU A 289 5.70 -21.57 -3.47
CA LEU A 289 4.62 -22.48 -3.13
C LEU A 289 4.70 -23.72 -4.01
N ARG A 290 4.71 -24.90 -3.40
CA ARG A 290 4.87 -26.13 -4.16
C ARG A 290 3.57 -26.64 -4.76
N GLY A 291 3.63 -27.18 -5.98
CA GLY A 291 2.50 -27.87 -6.58
C GLY A 291 1.31 -27.02 -6.99
N VAL A 292 1.48 -25.70 -7.02
CA VAL A 292 0.43 -24.81 -7.56
C VAL A 292 0.99 -23.93 -8.67
N SER A 293 0.22 -23.76 -9.74
CA SER A 293 0.61 -22.85 -10.81
C SER A 293 0.22 -21.42 -10.42
N ARG A 294 0.60 -20.45 -11.25
CA ARG A 294 0.25 -19.06 -10.97
C ARG A 294 -1.22 -18.75 -11.31
N GLU A 295 -1.90 -19.75 -11.86
CA GLU A 295 -3.36 -19.69 -12.04
C GLU A 295 -4.11 -20.32 -10.85
N GLU A 296 -3.41 -20.71 -9.79
CA GLU A 296 -4.06 -21.35 -8.65
C GLU A 296 -3.82 -20.55 -7.35
N VAL A 297 -3.04 -19.48 -7.47
CA VAL A 297 -2.88 -18.51 -6.41
C VAL A 297 -3.00 -17.17 -7.07
N GLU A 298 -3.65 -16.22 -6.38
CA GLU A 298 -3.82 -14.90 -6.95
C GLU A 298 -3.95 -13.80 -5.89
N ARG A 299 -3.75 -12.56 -6.34
CA ARG A 299 -3.94 -11.39 -5.51
C ARG A 299 -5.29 -11.42 -4.80
N GLY A 300 -5.27 -11.25 -3.48
CA GLY A 300 -6.51 -11.12 -2.73
C GLY A 300 -6.84 -12.36 -1.93
N GLN A 301 -6.19 -13.47 -2.28
CA GLN A 301 -6.26 -14.64 -1.41
C GLN A 301 -5.32 -14.38 -0.23
N VAL A 302 -5.47 -15.15 0.85
CA VAL A 302 -4.48 -15.08 1.93
C VAL A 302 -3.84 -16.46 2.14
N LEU A 303 -2.53 -16.47 2.41
CA LEU A 303 -1.89 -17.69 2.89
C LEU A 303 -2.08 -17.72 4.41
N ALA A 304 -2.52 -18.86 4.93
CA ALA A 304 -2.84 -18.93 6.35
C ALA A 304 -2.44 -20.28 6.91
N LYS A 305 -2.15 -20.32 8.21
CA LYS A 305 -2.02 -21.60 8.91
C LYS A 305 -3.28 -22.42 8.61
N PRO A 306 -3.11 -23.70 8.24
CA PRO A 306 -4.29 -24.50 7.90
C PRO A 306 -5.33 -24.54 9.01
N GLY A 307 -6.57 -24.18 8.67
CA GLY A 307 -7.68 -24.25 9.60
C GLY A 307 -7.81 -23.05 10.51
N SER A 308 -6.95 -22.05 10.32
CA SER A 308 -6.99 -20.85 11.16
C SER A 308 -7.99 -19.81 10.65
N ILE A 309 -8.32 -19.88 9.36
CA ILE A 309 -9.21 -18.90 8.74
C ILE A 309 -10.36 -19.54 7.96
N THR A 310 -11.58 -19.07 8.22
CA THR A 310 -12.73 -19.45 7.43
C THR A 310 -13.13 -18.25 6.55
N PRO A 311 -13.07 -18.42 5.22
CA PRO A 311 -13.49 -17.42 4.23
C PRO A 311 -15.00 -17.21 4.27
N HIS A 312 -15.46 -15.97 4.06
CA HIS A 312 -16.89 -15.66 4.14
C HIS A 312 -17.40 -14.86 2.94
N THR A 313 -18.72 -14.82 2.78
CA THR A 313 -19.36 -14.20 1.62
C THR A 313 -20.36 -13.12 2.00
N LYS A 314 -20.88 -13.19 3.22
CA LYS A 314 -21.96 -12.30 3.60
C LYS A 314 -21.75 -11.71 4.98
N PHE A 315 -21.90 -10.39 5.09
CA PHE A 315 -21.62 -9.69 6.33
C PHE A 315 -22.44 -8.42 6.46
N GLU A 316 -22.49 -7.89 7.67
CA GLU A 316 -23.08 -6.58 7.90
C GLU A 316 -21.98 -5.55 8.06
N ALA A 317 -22.28 -4.33 7.66
CA ALA A 317 -21.27 -3.27 7.63
C ALA A 317 -21.87 -1.92 7.93
N SER A 318 -21.07 -1.07 8.56
CA SER A 318 -21.44 0.33 8.76
C SER A 318 -20.66 1.12 7.71
N VAL A 319 -21.38 1.85 6.87
CA VAL A 319 -20.79 2.47 5.70
C VAL A 319 -21.02 3.99 5.64
N TYR A 320 -19.97 4.74 5.28
CA TYR A 320 -20.15 6.14 4.92
C TYR A 320 -20.05 6.29 3.40
N VAL A 321 -21.02 6.97 2.81
CA VAL A 321 -21.01 7.18 1.37
C VAL A 321 -20.54 8.59 1.04
N LEU A 322 -19.44 8.68 0.30
CA LEU A 322 -18.82 9.97 -0.03
C LEU A 322 -19.76 10.96 -0.72
N LYS A 323 -19.62 12.23 -0.37
CA LYS A 323 -20.29 13.28 -1.11
C LYS A 323 -19.53 13.53 -2.41
N LYS A 324 -20.19 14.14 -3.39
CA LYS A 324 -19.58 14.44 -4.68
C LYS A 324 -18.33 15.29 -4.49
N GLU A 325 -18.37 16.18 -3.52
CA GLU A 325 -17.25 17.08 -3.24
C GLU A 325 -16.12 16.38 -2.49
N GLU A 326 -16.27 15.08 -2.27
CA GLU A 326 -15.21 14.27 -1.70
C GLU A 326 -14.80 13.20 -2.71
N GLY A 327 -15.03 13.47 -3.99
CA GLY A 327 -14.70 12.51 -5.06
C GLY A 327 -15.73 11.42 -5.29
N GLY A 328 -16.81 11.46 -4.51
CA GLY A 328 -17.84 10.44 -4.59
C GLY A 328 -18.81 10.65 -5.73
N ARG A 329 -19.86 9.83 -5.76
CA ARG A 329 -20.85 9.92 -6.81
C ARG A 329 -21.83 11.06 -6.54
N HIS A 330 -22.50 11.49 -7.60
CA HIS A 330 -23.43 12.59 -7.54
C HIS A 330 -24.74 12.06 -6.99
N THR A 331 -25.09 10.85 -7.44
CA THR A 331 -26.37 10.24 -7.10
C THR A 331 -26.21 9.03 -6.17
N GLY A 332 -27.34 8.50 -5.70
CA GLY A 332 -27.32 7.42 -4.73
C GLY A 332 -27.50 6.05 -5.35
N PHE A 333 -27.77 5.05 -4.50
CA PHE A 333 -27.97 3.69 -4.98
C PHE A 333 -29.06 2.96 -4.20
N PHE A 334 -29.50 1.82 -4.74
CA PHE A 334 -30.57 1.04 -4.13
C PHE A 334 -30.06 -0.36 -3.78
N SER A 335 -30.93 -1.21 -3.25
CA SER A 335 -30.57 -2.61 -3.07
C SER A 335 -30.33 -3.19 -4.45
N GLY A 336 -29.32 -4.04 -4.57
CA GLY A 336 -28.96 -4.59 -5.87
C GLY A 336 -27.74 -3.90 -6.48
N TYR A 337 -27.38 -2.73 -5.93
CA TYR A 337 -26.14 -2.04 -6.29
C TYR A 337 -24.97 -3.04 -6.14
N ARG A 338 -24.15 -3.16 -7.18
CA ARG A 338 -23.06 -4.13 -7.22
C ARG A 338 -21.73 -3.44 -7.44
N PRO A 339 -21.18 -2.83 -6.39
CA PRO A 339 -19.90 -2.15 -6.54
C PRO A 339 -18.74 -3.11 -6.22
N GLN A 340 -17.51 -2.63 -6.27
CA GLN A 340 -16.34 -3.40 -5.85
C GLN A 340 -15.99 -3.12 -4.40
N PHE A 341 -15.60 -4.17 -3.67
CA PHE A 341 -15.18 -4.03 -2.27
C PHE A 341 -13.71 -4.36 -2.11
N TYR A 342 -12.99 -3.50 -1.39
CA TYR A 342 -11.55 -3.63 -1.21
C TYR A 342 -11.22 -3.89 0.27
N PHE A 343 -10.70 -5.09 0.55
CA PHE A 343 -10.28 -5.51 1.88
C PHE A 343 -8.81 -5.90 1.75
N ARG A 344 -7.93 -5.26 2.51
CA ARG A 344 -6.49 -5.50 2.37
C ARG A 344 -6.09 -5.50 0.89
N THR A 345 -5.58 -6.63 0.41
CA THR A 345 -5.17 -6.74 -1.00
C THR A 345 -6.25 -7.35 -1.88
N THR A 346 -7.43 -7.58 -1.29
CA THR A 346 -8.53 -8.21 -1.99
C THR A 346 -9.45 -7.20 -2.68
N ASP A 347 -9.87 -7.52 -3.90
N ASP A 347 -9.85 -7.50 -3.91
CA ASP A 347 -10.86 -6.72 -4.63
CA ASP A 347 -10.90 -6.72 -4.54
C ASP A 347 -11.95 -7.67 -5.14
C ASP A 347 -11.95 -7.64 -5.13
N VAL A 348 -13.17 -7.51 -4.63
CA VAL A 348 -14.23 -8.44 -4.96
C VAL A 348 -15.59 -7.76 -5.16
N THR A 349 -16.28 -8.12 -6.24
CA THR A 349 -17.64 -7.64 -6.51
C THR A 349 -18.58 -8.13 -5.41
N GLY A 350 -19.43 -7.23 -4.91
CA GLY A 350 -20.35 -7.55 -3.83
C GLY A 350 -21.70 -6.90 -4.10
N VAL A 351 -22.75 -7.44 -3.49
CA VAL A 351 -24.11 -6.96 -3.71
C VAL A 351 -24.63 -6.26 -2.46
N VAL A 352 -24.99 -4.99 -2.58
CA VAL A 352 -25.60 -4.28 -1.46
C VAL A 352 -27.05 -4.74 -1.29
N GLN A 353 -27.40 -5.10 -0.07
CA GLN A 353 -28.75 -5.52 0.24
C GLN A 353 -29.19 -4.64 1.40
N LEU A 354 -30.17 -3.76 1.14
CA LEU A 354 -30.59 -2.78 2.13
C LEU A 354 -31.68 -3.39 3.02
N PRO A 355 -31.80 -2.85 4.25
CA PRO A 355 -32.88 -3.28 5.16
C PRO A 355 -34.26 -2.99 4.57
N PRO A 356 -35.28 -3.79 4.94
CA PRO A 356 -36.67 -3.41 4.66
C PRO A 356 -36.93 -2.01 5.21
N GLY A 357 -37.42 -1.10 4.37
CA GLY A 357 -37.63 0.27 4.78
C GLY A 357 -36.56 1.23 4.27
N VAL A 358 -35.35 0.73 4.07
CA VAL A 358 -34.31 1.56 3.47
C VAL A 358 -34.36 1.36 1.95
N GLU A 359 -34.99 2.32 1.27
CA GLU A 359 -35.20 2.20 -0.16
C GLU A 359 -33.97 2.66 -0.93
N MET A 360 -33.24 3.62 -0.36
CA MET A 360 -32.16 4.33 -1.07
C MET A 360 -31.07 4.86 -0.14
N VAL A 361 -29.82 4.81 -0.60
CA VAL A 361 -28.73 5.46 0.12
C VAL A 361 -28.20 6.65 -0.67
N MET A 362 -28.09 7.82 -0.03
CA MET A 362 -27.64 9.04 -0.70
C MET A 362 -26.21 9.40 -0.31
N PRO A 363 -25.49 10.14 -1.18
CA PRO A 363 -24.14 10.61 -0.84
C PRO A 363 -24.11 11.43 0.46
N GLY A 364 -23.15 11.14 1.33
CA GLY A 364 -23.07 11.85 2.59
C GLY A 364 -23.76 11.13 3.72
N ASP A 365 -24.48 10.06 3.37
CA ASP A 365 -25.15 9.24 4.37
C ASP A 365 -24.20 8.32 5.13
N ASN A 366 -24.49 8.15 6.42
N ASN A 366 -24.53 8.11 6.40
CA ASN A 366 -23.91 7.06 7.18
CA ASN A 366 -23.91 7.07 7.21
C ASN A 366 -25.02 6.03 7.31
C ASN A 366 -24.98 6.01 7.43
N VAL A 367 -24.72 4.79 6.97
CA VAL A 367 -25.75 3.76 6.93
C VAL A 367 -25.21 2.35 7.20
N THR A 368 -26.11 1.44 7.54
CA THR A 368 -25.78 0.06 7.76
C THR A 368 -26.52 -0.77 6.71
N PHE A 369 -25.83 -1.74 6.12
CA PHE A 369 -26.52 -2.69 5.26
C PHE A 369 -25.76 -4.00 5.20
N THR A 370 -26.33 -5.01 4.54
CA THR A 370 -25.62 -6.25 4.37
C THR A 370 -25.01 -6.32 2.97
N VAL A 371 -23.92 -7.07 2.84
CA VAL A 371 -23.23 -7.22 1.57
C VAL A 371 -23.07 -8.71 1.30
N GLU A 372 -23.23 -9.11 0.04
CA GLU A 372 -22.95 -10.48 -0.33
C GLU A 372 -21.91 -10.49 -1.43
N LEU A 373 -20.73 -11.02 -1.13
CA LEU A 373 -19.65 -11.06 -2.12
C LEU A 373 -19.88 -12.24 -3.06
N ILE A 374 -19.52 -12.09 -4.31
CA ILE A 374 -19.72 -13.18 -5.27
C ILE A 374 -18.69 -14.30 -5.06
N LYS A 375 -17.60 -13.98 -4.36
CA LYS A 375 -16.58 -14.97 -3.97
C LYS A 375 -16.26 -14.85 -2.49
N PRO A 376 -15.91 -15.97 -1.83
CA PRO A 376 -15.57 -15.91 -0.41
C PRO A 376 -14.22 -15.19 -0.20
N VAL A 377 -14.08 -14.50 0.92
CA VAL A 377 -12.90 -13.68 1.19
C VAL A 377 -12.55 -13.80 2.66
N ALA A 378 -11.27 -13.81 3.00
CA ALA A 378 -10.90 -13.73 4.41
C ALA A 378 -11.45 -12.43 4.98
N LEU A 379 -12.36 -12.55 5.94
CA LEU A 379 -12.97 -11.39 6.57
C LEU A 379 -12.93 -11.58 8.09
N GLU A 380 -13.15 -10.49 8.81
CA GLU A 380 -13.33 -10.53 10.25
C GLU A 380 -14.00 -9.22 10.65
N GLU A 381 -14.64 -9.21 11.81
CA GLU A 381 -15.28 -8.00 12.30
C GLU A 381 -14.24 -6.90 12.54
N GLY A 382 -14.61 -5.66 12.27
CA GLY A 382 -13.69 -4.55 12.47
C GLY A 382 -12.77 -4.31 11.30
N LEU A 383 -12.84 -5.17 10.29
CA LEU A 383 -12.06 -4.97 9.07
C LEU A 383 -12.60 -3.77 8.28
N ARG A 384 -11.74 -2.78 8.03
CA ARG A 384 -12.12 -1.62 7.21
C ARG A 384 -12.08 -1.97 5.73
N PHE A 385 -12.93 -1.33 4.95
CA PHE A 385 -12.91 -1.56 3.52
C PHE A 385 -13.30 -0.32 2.73
N ALA A 386 -12.92 -0.28 1.47
CA ALA A 386 -13.36 0.77 0.58
C ALA A 386 -14.36 0.20 -0.41
N ILE A 387 -15.23 1.07 -0.92
CA ILE A 387 -16.19 0.71 -1.94
C ILE A 387 -15.89 1.57 -3.16
N ARG A 388 -15.85 0.94 -4.33
CA ARG A 388 -15.62 1.65 -5.58
C ARG A 388 -16.55 1.10 -6.64
N GLU A 389 -16.85 1.91 -7.64
CA GLU A 389 -17.75 1.48 -8.71
C GLU A 389 -17.55 2.37 -9.93
N GLY A 390 -17.53 1.77 -11.13
CA GLY A 390 -17.25 2.51 -12.35
C GLY A 390 -15.98 3.35 -12.29
N GLY A 391 -14.95 2.84 -11.63
CA GLY A 391 -13.68 3.55 -11.62
C GLY A 391 -13.55 4.71 -10.64
N ARG A 392 -14.55 4.89 -9.78
CA ARG A 392 -14.46 5.93 -8.74
C ARG A 392 -14.74 5.38 -7.33
N THR A 393 -14.12 6.00 -6.33
CA THR A 393 -14.38 5.66 -4.94
C THR A 393 -15.73 6.25 -4.49
N VAL A 394 -16.59 5.41 -3.92
CA VAL A 394 -17.94 5.83 -3.58
C VAL A 394 -18.20 5.82 -2.08
N GLY A 395 -17.45 4.99 -1.35
CA GLY A 395 -17.67 4.90 0.09
C GLY A 395 -16.56 4.21 0.87
N ALA A 396 -16.64 4.31 2.19
CA ALA A 396 -15.72 3.61 3.09
C ALA A 396 -16.58 2.90 4.12
N GLY A 397 -16.16 1.71 4.52
CA GLY A 397 -16.91 1.00 5.53
C GLY A 397 -16.05 0.21 6.49
N VAL A 398 -16.72 -0.43 7.45
CA VAL A 398 -16.08 -1.39 8.33
C VAL A 398 -17.07 -2.53 8.56
N VAL A 399 -16.55 -3.76 8.57
CA VAL A 399 -17.37 -4.93 8.87
C VAL A 399 -17.83 -4.92 10.33
N THR A 400 -19.13 -5.10 10.55
CA THR A 400 -19.68 -5.09 11.91
C THR A 400 -20.03 -6.48 12.41
N LYS A 401 -20.34 -7.38 11.48
CA LYS A 401 -20.78 -8.74 11.82
C LYS A 401 -20.73 -9.67 10.61
N ILE A 402 -20.17 -10.87 10.79
CA ILE A 402 -20.13 -11.86 9.71
C ILE A 402 -21.42 -12.69 9.77
N LEU A 403 -21.96 -13.05 8.59
CA LEU A 403 -23.25 -13.72 8.52
C LEU A 403 -23.18 -15.09 7.88
N GLU A 404 -22.35 -15.21 6.86
CA GLU A 404 -22.20 -16.47 6.15
C GLU A 404 -20.88 -16.46 5.37
PG GNP B . 2.96 7.99 -11.41
O1G GNP B . 3.61 6.84 -10.66
O2G GNP B . 1.74 8.55 -10.74
O3G GNP B . 2.69 7.53 -12.82
N3B GNP B . 4.11 9.13 -11.53
PB GNP B . 5.13 9.53 -10.35
O1B GNP B . 4.36 10.15 -9.26
O2B GNP B . 5.93 8.33 -9.95
O3A GNP B . 6.14 10.59 -10.84
PA GNP B . 7.50 10.32 -11.52
O1A GNP B . 8.54 9.99 -10.52
O2A GNP B . 7.37 9.40 -12.67
O5' GNP B . 7.89 11.73 -12.14
C5' GNP B . 6.95 12.35 -13.01
C4' GNP B . 7.60 13.51 -13.75
O4' GNP B . 7.98 14.57 -12.81
C3' GNP B . 8.86 13.14 -14.53
O3' GNP B . 8.90 13.81 -15.79
C2' GNP B . 9.97 13.61 -13.57
O2' GNP B . 11.21 13.91 -14.18
C1' GNP B . 9.35 14.86 -12.96
N9 GNP B . 9.94 15.12 -11.65
C8 GNP B . 10.07 14.22 -10.61
N7 GNP B . 10.63 14.75 -9.57
C5 GNP B . 10.91 16.06 -9.93
C6 GNP B . 11.53 17.11 -9.20
O6 GNP B . 11.97 17.07 -8.04
N1 GNP B . 11.60 18.30 -9.93
C2 GNP B . 11.13 18.43 -11.23
N2 GNP B . 11.28 19.62 -11.82
N3 GNP B . 10.56 17.45 -11.92
C4 GNP B . 10.48 16.29 -11.21
MG MG C . 5.37 6.26 -10.49
N NH4 D . 6.51 0.36 -11.27
S SO4 E . -9.32 18.14 -4.80
O1 SO4 E . -8.85 17.24 -3.76
O2 SO4 E . -8.32 18.29 -5.85
O3 SO4 E . -10.55 17.60 -5.38
O4 SO4 E . -9.59 19.44 -4.16
S SO4 F . 15.01 -6.60 -4.78
O1 SO4 F . 13.75 -6.09 -4.25
O2 SO4 F . 15.12 -6.30 -6.20
O3 SO4 F . 16.14 -5.99 -4.09
O4 SO4 F . 15.03 -8.05 -4.60
S SO4 G . -3.53 8.68 -20.18
O1 SO4 G . -2.57 7.83 -19.48
O2 SO4 G . -4.55 9.19 -19.27
O3 SO4 G . -4.18 7.91 -21.24
O4 SO4 G . -2.80 9.81 -20.75
S SO4 H . 5.26 -31.31 -7.35
O1 SO4 H . 5.97 -32.57 -7.61
O2 SO4 H . 4.52 -30.89 -8.54
O3 SO4 H . 4.33 -31.49 -6.23
O4 SO4 H . 6.23 -30.26 -7.03
S SO4 I . -23.51 9.04 -10.60
O1 SO4 I . -23.15 7.82 -11.32
O2 SO4 I . -24.65 9.66 -11.27
O3 SO4 I . -23.87 8.73 -9.22
O4 SO4 I . -22.37 9.95 -10.59
S SO4 J . 16.59 -0.86 -19.04
O1 SO4 J . 16.86 -2.25 -18.71
O2 SO4 J . 15.93 -0.22 -17.90
O3 SO4 J . 17.84 -0.14 -19.30
O4 SO4 J . 15.73 -0.80 -20.22
S SO4 K . 29.96 17.11 -6.78
O1 SO4 K . 30.33 16.22 -7.87
O2 SO4 K . 28.71 17.81 -7.09
O3 SO4 K . 29.79 16.34 -5.55
O4 SO4 K . 31.02 18.11 -6.60
#